data_5NVJ
#
_entry.id   5NVJ
#
_cell.length_a   76.610
_cell.length_b   35.430
_cell.length_c   64.300
_cell.angle_alpha   90.000
_cell.angle_beta   135.900
_cell.angle_gamma   90.000
#
_symmetry.space_group_name_H-M   'C 1 2 1'
#
loop_
_entity.id
_entity.type
_entity.pdbx_description
1 polymer 'Src substrate cortactin'
2 non-polymer BENZAMIDINE
3 non-polymer GLYCEROL
4 non-polymer 'CITRIC ACID'
5 water water
#
_entity_poly.entity_id   1
_entity_poly.type   'polypeptide(L)'
_entity_poly.pdbx_seq_one_letter_code
;GHMGITAIALYDYQAAGDDEISFDPDDIITNIEMIDDGWWRGVCKGRYGLFPANYVELRQ
;
_entity_poly.pdbx_strand_id   A,B
#
# COMPACT_ATOMS: atom_id res chain seq x y z
N GLY A 1 -12.45 -2.22 -9.75
CA GLY A 1 -11.38 -1.34 -9.29
C GLY A 1 -11.53 -0.94 -7.84
N HIS A 2 -10.45 -1.07 -7.07
CA HIS A 2 -10.44 -0.71 -5.65
C HIS A 2 -9.22 0.15 -5.34
N MET A 3 -8.90 1.07 -6.25
N MET A 3 -8.89 1.07 -6.24
CA MET A 3 -7.71 1.90 -6.12
CA MET A 3 -7.71 1.90 -6.12
C MET A 3 -7.97 3.25 -5.45
C MET A 3 -7.97 3.23 -5.42
N GLY A 4 -9.21 3.51 -5.04
CA GLY A 4 -9.49 4.74 -4.34
C GLY A 4 -9.09 5.98 -5.12
N ILE A 5 -8.70 7.01 -4.39
CA ILE A 5 -8.22 8.24 -5.00
C ILE A 5 -6.80 8.00 -5.49
N THR A 6 -6.54 8.30 -6.76
CA THR A 6 -5.24 8.06 -7.36
C THR A 6 -4.66 9.37 -7.89
N ALA A 7 -3.35 9.34 -8.08
CA ALA A 7 -2.62 10.50 -8.55
C ALA A 7 -1.40 10.01 -9.32
N ILE A 8 -0.90 10.86 -10.20
CA ILE A 8 0.29 10.56 -10.97
C ILE A 8 1.42 11.44 -10.45
N ALA A 9 2.58 10.83 -10.22
CA ALA A 9 3.73 11.56 -9.72
C ALA A 9 4.25 12.50 -10.80
N LEU A 10 4.50 13.75 -10.40
CA LEU A 10 5.07 14.76 -11.29
C LEU A 10 6.58 14.85 -11.15
N TYR A 11 7.12 14.55 -9.98
CA TYR A 11 8.53 14.72 -9.67
C TYR A 11 9.02 13.51 -8.88
N ASP A 12 10.32 13.27 -8.95
CA ASP A 12 10.93 12.19 -8.20
C ASP A 12 10.93 12.54 -6.71
N TYR A 13 10.48 11.60 -5.88
CA TYR A 13 10.57 11.75 -4.43
C TYR A 13 11.21 10.51 -3.83
N GLN A 14 12.14 10.71 -2.94
CA GLN A 14 12.81 9.66 -2.18
C GLN A 14 12.44 9.72 -0.74
N ALA A 15 11.87 8.64 -0.25
CA ALA A 15 11.43 8.62 1.14
C ALA A 15 12.56 9.01 2.07
N ALA A 16 12.28 9.93 2.98
CA ALA A 16 13.25 10.39 3.98
C ALA A 16 12.95 9.83 5.36
N GLY A 17 12.26 8.70 5.43
CA GLY A 17 11.94 8.08 6.70
C GLY A 17 11.12 6.83 6.45
N ASP A 18 11.10 5.96 7.46
CA ASP A 18 10.43 4.68 7.31
C ASP A 18 8.92 4.78 7.21
N ASP A 19 8.34 5.98 7.39
CA ASP A 19 6.91 6.18 7.24
C ASP A 19 6.56 6.94 5.96
N GLU A 20 7.51 7.07 5.04
CA GLU A 20 7.31 7.75 3.76
C GLU A 20 7.42 6.76 2.61
N ILE A 21 6.94 7.17 1.43
CA ILE A 21 7.06 6.39 0.21
C ILE A 21 7.97 7.11 -0.78
N SER A 22 8.35 6.39 -1.84
CA SER A 22 9.16 6.93 -2.92
C SER A 22 8.43 6.73 -4.23
N PHE A 23 8.69 7.62 -5.19
CA PHE A 23 8.16 7.45 -6.53
C PHE A 23 8.99 8.24 -7.53
N ASP A 24 8.91 7.80 -8.77
CA ASP A 24 9.50 8.48 -9.91
C ASP A 24 8.39 9.10 -10.74
N PRO A 25 8.70 10.10 -11.55
CA PRO A 25 7.66 10.70 -12.39
C PRO A 25 6.90 9.63 -13.15
N ASP A 26 5.58 9.79 -13.23
CA ASP A 26 4.66 8.93 -13.96
C ASP A 26 4.27 7.67 -13.18
N ASP A 27 4.88 7.40 -12.04
CA ASP A 27 4.36 6.38 -11.15
C ASP A 27 2.97 6.80 -10.65
N ILE A 28 2.14 5.80 -10.33
CA ILE A 28 0.80 6.04 -9.83
C ILE A 28 0.77 5.79 -8.33
N ILE A 29 0.15 6.70 -7.60
CA ILE A 29 -0.08 6.54 -6.16
C ILE A 29 -1.57 6.25 -5.99
N THR A 30 -1.87 5.20 -5.25
CA THR A 30 -3.25 4.74 -5.09
C THR A 30 -3.72 4.87 -3.65
N ASN A 31 -5.04 4.82 -3.50
CA ASN A 31 -5.73 4.84 -2.22
C ASN A 31 -5.21 5.97 -1.33
N ILE A 32 -5.25 7.18 -1.89
CA ILE A 32 -4.69 8.34 -1.24
C ILE A 32 -5.61 8.80 -0.10
N GLU A 33 -4.98 9.09 1.03
CA GLU A 33 -5.60 9.73 2.18
C GLU A 33 -5.03 11.14 2.22
N MET A 34 -5.86 12.12 1.90
CA MET A 34 -5.43 13.51 1.94
C MET A 34 -5.52 13.92 3.41
N ILE A 35 -4.51 13.49 4.20
CA ILE A 35 -4.58 13.57 5.66
C ILE A 35 -4.17 14.94 6.19
N ASP A 36 -3.42 15.70 5.42
CA ASP A 36 -2.91 16.98 5.84
C ASP A 36 -2.80 17.81 4.57
N ASP A 37 -2.68 19.13 4.74
CA ASP A 37 -2.65 19.97 3.54
C ASP A 37 -1.33 19.87 2.78
N GLY A 38 -0.25 19.46 3.45
CA GLY A 38 1.04 19.36 2.79
C GLY A 38 1.51 17.94 2.54
N TRP A 39 1.20 17.02 3.43
CA TRP A 39 1.64 15.64 3.32
C TRP A 39 0.42 14.74 3.23
N TRP A 40 0.41 13.89 2.21
CA TRP A 40 -0.65 12.90 2.04
C TRP A 40 -0.06 11.52 2.31
N ARG A 41 -0.96 10.55 2.46
CA ARG A 41 -0.58 9.15 2.59
CA ARG A 41 -0.57 9.16 2.59
C ARG A 41 -1.19 8.36 1.45
N GLY A 42 -0.47 7.36 0.97
CA GLY A 42 -0.99 6.54 -0.09
C GLY A 42 -0.07 5.36 -0.34
N VAL A 43 -0.45 4.58 -1.35
CA VAL A 43 0.24 3.34 -1.72
C VAL A 43 0.97 3.58 -3.03
N CYS A 44 2.25 3.23 -3.06
CA CYS A 44 2.98 3.30 -4.31
C CYS A 44 4.04 2.21 -4.31
N LYS A 45 4.02 1.38 -5.35
CA LYS A 45 5.01 0.34 -5.54
C LYS A 45 5.22 -0.51 -4.28
N GLY A 46 4.12 -0.92 -3.68
CA GLY A 46 4.15 -1.89 -2.60
C GLY A 46 4.36 -1.32 -1.21
N ARG A 47 4.44 0.00 -1.09
CA ARG A 47 4.66 0.66 0.20
C ARG A 47 3.54 1.67 0.49
N TYR A 48 3.17 1.79 1.75
CA TYR A 48 2.15 2.73 2.20
C TYR A 48 2.81 3.74 3.12
N GLY A 49 2.57 5.02 2.87
CA GLY A 49 3.17 6.04 3.71
C GLY A 49 3.00 7.42 3.12
N LEU A 50 3.74 8.35 3.72
CA LEU A 50 3.60 9.78 3.50
C LEU A 50 4.40 10.25 2.30
N PHE A 51 3.92 11.31 1.67
CA PHE A 51 4.60 11.93 0.54
C PHE A 51 4.10 13.35 0.38
N PRO A 52 4.85 14.21 -0.33
CA PRO A 52 4.41 15.60 -0.50
C PRO A 52 3.26 15.71 -1.49
N ALA A 53 2.17 16.34 -1.05
CA ALA A 53 0.98 16.42 -1.90
C ALA A 53 1.28 17.11 -3.22
N ASN A 54 2.11 18.17 -3.20
CA ASN A 54 2.36 18.94 -4.42
C ASN A 54 3.35 18.27 -5.37
N TYR A 55 3.80 17.05 -5.07
CA TYR A 55 4.58 16.26 -6.01
C TYR A 55 3.71 15.42 -6.95
N VAL A 56 2.38 15.42 -6.78
CA VAL A 56 1.49 14.57 -7.56
C VAL A 56 0.35 15.39 -8.13
N GLU A 57 -0.30 14.82 -9.12
CA GLU A 57 -1.47 15.40 -9.74
C GLU A 57 -2.61 14.39 -9.61
N LEU A 58 -3.67 14.78 -8.89
CA LEU A 58 -4.84 13.93 -8.73
C LEU A 58 -5.44 13.63 -10.09
N ARG A 59 -5.87 12.38 -10.27
CA ARG A 59 -6.52 11.95 -11.50
C ARG A 59 -7.99 12.36 -11.46
N GLN A 60 -8.47 12.91 -12.57
CA GLN A 60 -9.85 13.39 -12.66
C GLN A 60 -10.74 12.35 -13.32
N GLY B 1 16.08 -2.27 -0.89
CA GLY B 1 14.71 -2.78 -0.92
C GLY B 1 13.80 -2.05 0.07
N HIS B 2 12.53 -1.89 -0.31
CA HIS B 2 11.56 -1.23 0.55
C HIS B 2 10.27 -2.02 0.69
N MET B 3 10.33 -3.36 0.56
CA MET B 3 9.13 -4.17 0.62
CA MET B 3 9.14 -4.19 0.62
C MET B 3 8.84 -4.72 2.02
N GLY B 4 9.74 -4.50 2.98
CA GLY B 4 9.52 -4.95 4.34
C GLY B 4 9.27 -6.44 4.42
N ILE B 5 8.46 -6.83 5.40
CA ILE B 5 8.08 -8.23 5.56
C ILE B 5 7.06 -8.58 4.49
N THR B 6 7.31 -9.65 3.75
CA THR B 6 6.48 -10.06 2.65
C THR B 6 5.96 -11.48 2.87
N ALA B 7 4.85 -11.79 2.20
CA ALA B 7 4.23 -13.10 2.30
C ALA B 7 3.57 -13.42 0.98
N ILE B 8 3.28 -14.71 0.77
CA ILE B 8 2.58 -15.18 -0.40
C ILE B 8 1.21 -15.68 0.04
N ALA B 9 0.18 -15.29 -0.69
CA ALA B 9 -1.17 -15.73 -0.38
C ALA B 9 -1.32 -17.22 -0.68
N LEU B 10 -1.88 -17.95 0.26
CA LEU B 10 -2.18 -19.36 0.09
C LEU B 10 -3.59 -19.58 -0.42
N TYR B 11 -4.51 -18.69 -0.10
CA TYR B 11 -5.92 -18.84 -0.42
C TYR B 11 -6.46 -17.50 -0.89
N ASP B 12 -7.54 -17.56 -1.66
CA ASP B 12 -8.22 -16.35 -2.11
C ASP B 12 -8.90 -15.68 -0.93
N TYR B 13 -8.68 -14.36 -0.78
CA TYR B 13 -9.39 -13.56 0.19
C TYR B 13 -10.03 -12.37 -0.50
N GLN B 14 -11.31 -12.13 -0.19
CA GLN B 14 -12.05 -10.98 -0.70
C GLN B 14 -12.34 -10.05 0.46
N ALA B 15 -11.88 -8.81 0.35
CA ALA B 15 -12.08 -7.83 1.40
C ALA B 15 -13.54 -7.73 1.80
N ALA B 16 -13.80 -7.81 3.09
CA ALA B 16 -15.15 -7.68 3.63
C ALA B 16 -15.40 -6.33 4.28
N GLY B 17 -14.57 -5.33 3.96
CA GLY B 17 -14.73 -4.00 4.50
C GLY B 17 -13.78 -3.05 3.80
N ASP B 18 -14.03 -1.75 4.01
CA ASP B 18 -13.20 -0.73 3.38
C ASP B 18 -11.82 -0.63 4.00
N ASP B 19 -11.56 -1.36 5.09
CA ASP B 19 -10.25 -1.37 5.72
C ASP B 19 -9.50 -2.67 5.49
N GLU B 20 -9.98 -3.51 4.60
CA GLU B 20 -9.37 -4.80 4.29
C GLU B 20 -8.80 -4.78 2.88
N ILE B 21 -7.99 -5.80 2.56
CA ILE B 21 -7.44 -5.99 1.23
C ILE B 21 -7.92 -7.33 0.69
N SER B 22 -7.68 -7.52 -0.61
CA SER B 22 -8.02 -8.77 -1.30
C SER B 22 -6.78 -9.30 -1.99
N PHE B 23 -6.75 -10.62 -2.16
CA PHE B 23 -5.68 -11.25 -2.93
C PHE B 23 -6.14 -12.61 -3.43
N ASP B 24 -5.55 -13.03 -4.53
CA ASP B 24 -5.69 -14.36 -5.07
C ASP B 24 -4.51 -15.21 -4.63
N PRO B 25 -4.63 -16.53 -4.66
CA PRO B 25 -3.49 -17.37 -4.35
C PRO B 25 -2.29 -17.00 -5.21
N ASP B 26 -1.15 -16.94 -4.57
CA ASP B 26 0.09 -16.59 -5.18
C ASP B 26 0.46 -15.14 -5.26
N ASP B 27 -0.49 -14.32 -4.96
CA ASP B 27 -0.20 -12.89 -4.88
C ASP B 27 0.76 -12.62 -3.73
N ILE B 28 1.51 -11.53 -3.84
CA ILE B 28 2.49 -11.14 -2.84
C ILE B 28 1.92 -10.00 -2.01
N ILE B 29 1.98 -10.13 -0.70
CA ILE B 29 1.62 -9.06 0.23
C ILE B 29 2.92 -8.48 0.77
N THR B 30 3.02 -7.15 0.76
CA THR B 30 4.24 -6.47 1.14
C THR B 30 4.03 -5.57 2.36
N ASN B 31 5.15 -5.22 3.00
CA ASN B 31 5.18 -4.29 4.13
C ASN B 31 4.18 -4.67 5.20
N ILE B 32 4.25 -5.93 5.62
CA ILE B 32 3.29 -6.49 6.54
C ILE B 32 3.54 -5.97 7.94
N GLU B 33 2.46 -5.56 8.60
CA GLU B 33 2.41 -5.21 10.01
C GLU B 33 1.67 -6.34 10.70
N MET B 34 2.40 -7.16 11.45
CA MET B 34 1.78 -8.24 12.22
C MET B 34 1.19 -7.59 13.46
N ILE B 35 0.02 -6.95 13.28
CA ILE B 35 -0.56 -6.09 14.32
C ILE B 35 -1.32 -6.88 15.37
N ASP B 36 -1.84 -8.00 14.99
CA ASP B 36 -2.63 -8.88 15.87
C ASP B 36 -2.27 -10.34 15.53
N ASP B 37 -2.64 -11.27 16.42
CA ASP B 37 -2.32 -12.66 16.12
C ASP B 37 -3.19 -13.22 15.00
N GLY B 38 -4.37 -12.64 14.76
CA GLY B 38 -5.27 -13.15 13.75
C GLY B 38 -5.38 -12.34 12.48
N TRP B 39 -5.28 -11.02 12.58
CA TRP B 39 -5.44 -10.11 11.46
C TRP B 39 -4.18 -9.29 11.32
N TRP B 40 -3.56 -9.33 10.15
CA TRP B 40 -2.41 -8.51 9.84
C TRP B 40 -2.82 -7.39 8.90
N ARG B 41 -1.95 -6.40 8.75
CA ARG B 41 -2.13 -5.35 7.78
C ARG B 41 -0.98 -5.41 6.78
N GLY B 42 -1.27 -5.05 5.53
CA GLY B 42 -0.22 -5.08 4.53
C GLY B 42 -0.73 -4.46 3.24
N VAL B 43 0.15 -4.48 2.25
CA VAL B 43 -0.10 -3.88 0.94
C VAL B 43 -0.20 -4.99 -0.10
N CYS B 44 -1.26 -4.95 -0.90
CA CYS B 44 -1.39 -5.89 -2.00
C CYS B 44 -2.20 -5.23 -3.10
N LYS B 45 -1.67 -5.27 -4.32
CA LYS B 45 -2.34 -4.74 -5.50
C LYS B 45 -2.88 -3.33 -5.28
N GLY B 46 -2.03 -2.48 -4.70
CA GLY B 46 -2.34 -1.07 -4.57
C GLY B 46 -3.24 -0.69 -3.42
N ARG B 47 -3.57 -1.62 -2.54
CA ARG B 47 -4.39 -1.36 -1.37
C ARG B 47 -3.63 -1.70 -0.11
N TYR B 48 -3.90 -0.95 0.96
CA TYR B 48 -3.34 -1.18 2.28
C TYR B 48 -4.48 -1.49 3.24
N GLY B 49 -4.35 -2.56 4.00
CA GLY B 49 -5.40 -2.88 4.95
C GLY B 49 -5.24 -4.28 5.53
N LEU B 50 -6.31 -4.71 6.20
CA LEU B 50 -6.31 -5.92 7.01
C LEU B 50 -6.58 -7.17 6.18
N PHE B 51 -6.05 -8.29 6.65
CA PHE B 51 -6.29 -9.58 6.03
C PHE B 51 -6.01 -10.67 7.05
N PRO B 52 -6.52 -11.89 6.84
CA PRO B 52 -6.28 -12.97 7.80
C PRO B 52 -4.84 -13.48 7.75
N ALA B 53 -4.19 -13.49 8.90
CA ALA B 53 -2.78 -13.91 8.95
C ALA B 53 -2.60 -15.32 8.42
N ASN B 54 -3.52 -16.24 8.71
CA ASN B 54 -3.35 -17.64 8.31
C ASN B 54 -3.73 -17.88 6.85
N TYR B 55 -4.02 -16.84 6.08
CA TYR B 55 -4.21 -16.97 4.64
C TYR B 55 -2.90 -16.83 3.87
N VAL B 56 -1.78 -16.51 4.53
CA VAL B 56 -0.52 -16.21 3.87
C VAL B 56 0.61 -17.01 4.50
N GLU B 57 1.71 -17.11 3.75
CA GLU B 57 2.94 -17.74 4.19
C GLU B 57 4.06 -16.74 4.08
N LEU B 58 4.68 -16.41 5.21
CA LEU B 58 5.80 -15.47 5.21
C LEU B 58 6.94 -15.98 4.33
N ARG B 59 7.61 -15.05 3.66
CA ARG B 59 8.73 -15.39 2.79
C ARG B 59 10.09 -15.05 3.40
N GLN B 60 10.40 -13.76 3.45
CA GLN B 60 11.78 -13.23 3.52
C GLN B 60 12.85 -14.27 3.83
#